data_5DJT
#
_entry.id   5DJT
#
_cell.length_a   110.140
_cell.length_b   110.140
_cell.length_c   37.510
_cell.angle_alpha   90.00
_cell.angle_beta   90.00
_cell.angle_gamma   90.00
#
_symmetry.space_group_name_H-M   'I 4'
#
loop_
_entity.id
_entity.type
_entity.pdbx_description
1 polymer NPH1-2
2 polymer 'Engineered protein, Zdk2 affibody'
3 non-polymer 'COPPER (II) ION'
4 non-polymer 'FLAVIN MONONUCLEOTIDE'
5 non-polymer 'CHLORIDE ION'
6 water water
#
loop_
_entity_poly.entity_id
_entity_poly.type
_entity_poly.pdbx_seq_one_letter_code
_entity_poly.pdbx_strand_id
1 'polypeptide(L)'
;GSLATTLERIEKNFVITDPRLPDNPIIFASDSFLQLTEYSREEILGRNARFLQGPETDRATVRKIRDAIDNQTEVTVQLI
NYTKSGKKFWNLFHLQPMRDQKGDVQYFIGVQLDGTEHVRDAAEREGVMLIKKTAENIDEAAKEL
;
A
2 'polypeptide(L)' GGSVDNKFNKEMLSARVEIYGLPNLNWGQRFAFISSLTDDPSQSANLLAEAKKLNDAQAPK B
#
# COMPACT_ATOMS: atom_id res chain seq x y z
N SER A 2 12.88 -0.24 -7.66
CA SER A 2 14.06 -1.11 -7.61
C SER A 2 14.10 -1.91 -6.32
N LEU A 3 14.46 -1.24 -5.23
CA LEU A 3 14.49 -1.84 -3.90
C LEU A 3 13.09 -2.00 -3.31
N ALA A 4 12.53 -3.20 -3.42
CA ALA A 4 11.25 -3.48 -2.75
C ALA A 4 11.40 -4.20 -1.42
N THR A 5 10.59 -3.84 -0.43
CA THR A 5 10.54 -4.64 0.80
C THR A 5 10.02 -6.03 0.46
N THR A 6 10.18 -6.99 1.36
CA THR A 6 9.71 -8.34 1.02
C THR A 6 8.19 -8.36 0.82
N LEU A 7 7.46 -7.51 1.55
CA LEU A 7 6.00 -7.48 1.43
C LEU A 7 5.62 -7.07 0.00
N GLU A 8 6.38 -6.12 -0.55
CA GLU A 8 6.13 -5.59 -1.88
C GLU A 8 6.53 -6.53 -3.01
N ARG A 9 7.19 -7.64 -2.68
CA ARG A 9 7.54 -8.65 -3.68
C ARG A 9 6.43 -9.69 -3.89
N ILE A 10 5.39 -9.64 -3.08
CA ILE A 10 4.23 -10.52 -3.29
C ILE A 10 3.68 -10.22 -4.69
N GLU A 11 3.43 -11.27 -5.47
CA GLU A 11 3.13 -11.12 -6.89
C GLU A 11 1.67 -10.86 -7.23
N LYS A 12 1.17 -9.79 -6.64
CA LYS A 12 -0.20 -9.33 -6.83
C LYS A 12 -0.15 -7.79 -6.85
N ASN A 13 -1.13 -7.15 -7.46
CA ASN A 13 -1.17 -5.68 -7.48
C ASN A 13 -1.78 -5.17 -6.19
N PHE A 14 -1.01 -4.41 -5.40
CA PHE A 14 -1.61 -3.75 -4.25
C PHE A 14 -0.81 -2.54 -3.85
N VAL A 15 -1.49 -1.65 -3.13
CA VAL A 15 -0.86 -0.62 -2.34
C VAL A 15 -1.37 -0.65 -0.90
N ILE A 16 -0.63 -0.04 0.01
CA ILE A 16 -1.09 0.15 1.38
C ILE A 16 -0.94 1.62 1.68
N THR A 17 -1.96 2.21 2.31
CA THR A 17 -1.92 3.64 2.62
C THR A 17 -2.03 3.84 4.14
N ASP A 18 -1.58 5.01 4.58
CA ASP A 18 -1.63 5.38 6.00
C ASP A 18 -2.60 6.56 6.16
N PRO A 19 -3.80 6.32 6.71
CA PRO A 19 -4.78 7.39 6.81
C PRO A 19 -4.41 8.49 7.80
N ARG A 20 -3.40 8.26 8.64
CA ARG A 20 -2.93 9.34 9.52
C ARG A 20 -1.87 10.24 8.91
N LEU A 21 -1.36 9.91 7.71
CA LEU A 21 -0.55 10.85 6.95
C LEU A 21 -1.44 11.74 6.10
N PRO A 22 -0.94 12.93 5.74
CA PRO A 22 -1.79 13.82 4.93
C PRO A 22 -2.28 13.16 3.64
N ASP A 23 -3.60 13.24 3.41
CA ASP A 23 -4.21 12.77 2.16
C ASP A 23 -4.18 11.23 2.02
N ASN A 24 -4.08 10.50 3.13
CA ASN A 24 -4.15 9.02 3.09
C ASN A 24 -3.30 8.39 1.98
N PRO A 25 -1.98 8.65 2.03
CA PRO A 25 -1.12 8.36 0.91
C PRO A 25 -0.53 6.95 0.95
N ILE A 26 -0.03 6.54 -0.21
CA ILE A 26 0.66 5.27 -0.38
C ILE A 26 1.98 5.20 0.42
N ILE A 27 2.09 4.15 1.22
CA ILE A 27 3.36 3.87 1.93
C ILE A 27 4.03 2.55 1.49
N PHE A 28 3.27 1.63 0.87
CA PHE A 28 3.83 0.43 0.23
C PHE A 28 3.14 0.31 -1.12
N ALA A 29 3.85 -0.17 -2.13
CA ALA A 29 3.27 -0.45 -3.45
C ALA A 29 4.02 -1.66 -4.00
N SER A 30 3.29 -2.71 -4.44
CA SER A 30 3.99 -3.90 -4.93
C SER A 30 4.70 -3.68 -6.26
N ASP A 31 5.73 -4.47 -6.51
CA ASP A 31 6.40 -4.44 -7.82
C ASP A 31 5.40 -4.70 -8.94
N SER A 32 4.46 -5.62 -8.73
CA SER A 32 3.45 -5.89 -9.76
CA SER A 32 3.44 -5.89 -9.74
C SER A 32 2.60 -4.66 -10.06
N PHE A 33 2.18 -3.93 -9.02
CA PHE A 33 1.42 -2.68 -9.18
C PHE A 33 2.22 -1.68 -10.00
N LEU A 34 3.52 -1.55 -9.75
CA LEU A 34 4.36 -0.63 -10.54
C LEU A 34 4.41 -1.03 -12.01
N GLN A 35 4.49 -2.34 -12.26
CA GLN A 35 4.52 -2.81 -13.64
C GLN A 35 3.19 -2.57 -14.34
N LEU A 36 2.08 -2.81 -13.64
CA LEU A 36 0.76 -2.57 -14.22
C LEU A 36 0.55 -1.09 -14.57
N THR A 37 0.86 -0.21 -13.63
CA THR A 37 0.51 1.19 -13.77
C THR A 37 1.56 2.04 -14.45
N GLU A 38 2.78 1.52 -14.57
CA GLU A 38 3.94 2.19 -15.18
C GLU A 38 4.58 3.31 -14.32
N TYR A 39 4.12 3.48 -13.08
CA TYR A 39 4.73 4.48 -12.18
C TYR A 39 5.93 3.87 -11.46
N SER A 40 6.89 4.70 -11.09
CA SER A 40 7.94 4.27 -10.20
C SER A 40 7.46 4.35 -8.75
N ARG A 41 8.11 3.61 -7.87
CA ARG A 41 7.73 3.71 -6.48
C ARG A 41 8.01 5.12 -5.94
N GLU A 42 9.15 5.71 -6.32
CA GLU A 42 9.52 7.04 -5.84
C GLU A 42 8.48 8.11 -6.18
N GLU A 43 7.81 8.00 -7.32
CA GLU A 43 6.86 9.04 -7.70
C GLU A 43 5.46 8.83 -7.13
N ILE A 44 5.26 7.73 -6.39
CA ILE A 44 3.96 7.51 -5.74
C ILE A 44 3.98 7.36 -4.22
N LEU A 45 5.14 7.18 -3.61
CA LEU A 45 5.17 7.17 -2.14
C LEU A 45 4.74 8.55 -1.65
N GLY A 46 3.87 8.58 -0.64
CA GLY A 46 3.41 9.83 -0.05
C GLY A 46 2.33 10.49 -0.90
N ARG A 47 1.80 9.77 -1.88
CA ARG A 47 0.78 10.30 -2.81
C ARG A 47 -0.49 9.48 -2.67
N ASN A 48 -1.65 10.12 -2.72
CA ASN A 48 -2.91 9.42 -2.71
C ASN A 48 -3.12 8.73 -4.08
N ALA A 49 -3.68 7.54 -4.07
CA ALA A 49 -3.85 6.69 -5.25
C ALA A 49 -4.80 7.24 -6.34
N ARG A 50 -5.48 8.35 -6.08
CA ARG A 50 -6.44 8.88 -7.07
C ARG A 50 -5.82 9.20 -8.43
N PHE A 51 -4.50 9.31 -8.51
CA PHE A 51 -3.88 9.59 -9.80
C PHE A 51 -4.16 8.51 -10.84
N LEU A 52 -4.55 7.31 -10.39
CA LEU A 52 -4.95 6.20 -11.28
C LEU A 52 -6.21 6.50 -12.06
N GLN A 53 -6.98 7.50 -11.64
CA GLN A 53 -8.23 7.83 -12.35
C GLN A 53 -7.96 8.69 -13.59
N GLY A 54 -9.04 9.04 -14.28
CA GLY A 54 -8.91 9.88 -15.44
C GLY A 54 -10.29 10.32 -15.87
N PRO A 55 -10.36 11.02 -16.99
CA PRO A 55 -11.60 11.64 -17.46
C PRO A 55 -12.80 10.71 -17.59
N GLU A 56 -12.59 9.43 -17.94
CA GLU A 56 -13.73 8.52 -18.10
C GLU A 56 -14.14 7.79 -16.82
N THR A 57 -13.41 8.00 -15.73
CA THR A 57 -13.76 7.32 -14.49
C THR A 57 -15.11 7.81 -13.97
N ASP A 58 -15.97 6.86 -13.59
CA ASP A 58 -17.29 7.16 -13.04
C ASP A 58 -17.16 7.81 -11.64
N ARG A 59 -17.61 9.06 -11.50
CA ARG A 59 -17.51 9.77 -10.23
C ARG A 59 -18.40 9.22 -9.11
N ALA A 60 -19.53 8.60 -9.46
CA ALA A 60 -20.37 7.96 -8.44
C ALA A 60 -19.62 6.77 -7.81
N THR A 61 -18.87 6.05 -8.64
CA THR A 61 -18.09 4.93 -8.10
C THR A 61 -16.97 5.42 -7.21
N VAL A 62 -16.32 6.50 -7.63
CA VAL A 62 -15.26 7.09 -6.80
C VAL A 62 -15.83 7.58 -5.44
N ARG A 63 -17.05 8.12 -5.44
CA ARG A 63 -17.68 8.60 -4.22
C ARG A 63 -18.02 7.43 -3.30
N LYS A 64 -18.41 6.30 -3.88
CA LYS A 64 -18.60 5.07 -3.11
C LYS A 64 -17.31 4.67 -2.36
N ILE A 65 -16.18 4.69 -3.05
CA ILE A 65 -14.88 4.41 -2.40
C ILE A 65 -14.63 5.41 -1.27
N ARG A 66 -14.85 6.69 -1.54
CA ARG A 66 -14.64 7.75 -0.56
C ARG A 66 -15.49 7.53 0.68
N ASP A 67 -16.77 7.18 0.46
CA ASP A 67 -17.68 6.96 1.57
C ASP A 67 -17.25 5.75 2.43
N ALA A 68 -16.75 4.70 1.78
CA ALA A 68 -16.28 3.53 2.51
C ALA A 68 -15.03 3.87 3.33
N ILE A 69 -14.10 4.63 2.73
CA ILE A 69 -12.91 5.06 3.46
C ILE A 69 -13.28 5.90 4.70
N ASP A 70 -14.23 6.83 4.54
CA ASP A 70 -14.68 7.63 5.68
C ASP A 70 -15.34 6.77 6.75
N ASN A 71 -16.04 5.70 6.34
CA ASN A 71 -16.61 4.74 7.27
C ASN A 71 -15.57 3.82 7.91
N GLN A 72 -14.35 3.85 7.34
CA GLN A 72 -13.25 2.95 7.76
C GLN A 72 -13.64 1.50 7.54
N THR A 73 -14.19 1.19 6.37
CA THR A 73 -14.59 -0.16 6.05
C THR A 73 -14.02 -0.64 4.71
N GLU A 74 -14.23 -1.91 4.42
CA GLU A 74 -13.95 -2.42 3.08
C GLU A 74 -14.92 -1.90 2.02
N VAL A 75 -14.53 -2.04 0.76
CA VAL A 75 -15.42 -1.76 -0.37
C VAL A 75 -14.87 -2.54 -1.57
N THR A 76 -15.75 -2.87 -2.50
CA THR A 76 -15.34 -3.50 -3.74
C THR A 76 -16.09 -2.81 -4.87
N VAL A 77 -15.37 -2.37 -5.88
CA VAL A 77 -15.99 -1.70 -7.02
C VAL A 77 -15.25 -2.04 -8.30
N GLN A 78 -15.86 -1.68 -9.44
CA GLN A 78 -15.17 -1.75 -10.74
C GLN A 78 -15.12 -0.36 -11.34
N LEU A 79 -13.94 0.11 -11.74
CA LEU A 79 -13.86 1.44 -12.32
C LEU A 79 -12.72 1.54 -13.32
N ILE A 80 -12.83 2.54 -14.17
CA ILE A 80 -11.81 2.77 -15.17
C ILE A 80 -10.62 3.48 -14.54
N ASN A 81 -9.43 2.91 -14.75
CA ASN A 81 -8.19 3.53 -14.34
C ASN A 81 -7.27 3.70 -15.54
N TYR A 82 -6.13 4.35 -15.33
CA TYR A 82 -5.22 4.72 -16.42
C TYR A 82 -3.78 4.49 -15.97
N THR A 83 -2.97 3.96 -16.87
CA THR A 83 -1.52 3.90 -16.62
C THR A 83 -0.90 5.30 -16.73
N LYS A 84 0.36 5.44 -16.30
CA LYS A 84 1.04 6.72 -16.38
C LYS A 84 1.04 7.30 -17.80
N SER A 85 1.16 6.43 -18.82
CA SER A 85 1.16 6.90 -20.19
C SER A 85 -0.24 7.13 -20.77
N GLY A 86 -1.27 6.90 -19.98
CA GLY A 86 -2.61 7.23 -20.40
C GLY A 86 -3.45 6.08 -20.92
N LYS A 87 -2.97 4.86 -20.78
CA LYS A 87 -3.71 3.72 -21.28
C LYS A 87 -4.79 3.28 -20.29
N LYS A 88 -6.03 3.16 -20.75
CA LYS A 88 -7.14 2.72 -19.91
C LYS A 88 -7.09 1.24 -19.59
N PHE A 89 -7.52 0.92 -18.37
CA PHE A 89 -7.82 -0.45 -18.02
C PHE A 89 -8.96 -0.45 -17.02
N TRP A 90 -9.74 -1.53 -17.03
CA TRP A 90 -10.74 -1.74 -16.01
C TRP A 90 -10.06 -2.31 -14.75
N ASN A 91 -10.42 -1.77 -13.59
CA ASN A 91 -9.85 -2.18 -12.34
C ASN A 91 -10.99 -2.71 -11.47
N LEU A 92 -10.99 -4.01 -11.23
CA LEU A 92 -11.83 -4.60 -10.20
C LEU A 92 -11.03 -4.43 -8.90
N PHE A 93 -11.51 -3.50 -8.06
CA PHE A 93 -10.74 -2.96 -6.94
C PHE A 93 -11.35 -3.35 -5.60
N HIS A 94 -10.50 -3.80 -4.68
CA HIS A 94 -10.98 -4.09 -3.34
C HIS A 94 -10.12 -3.38 -2.30
N LEU A 95 -10.78 -2.68 -1.40
CA LEU A 95 -10.16 -2.00 -0.26
C LEU A 95 -10.49 -2.75 0.98
N GLN A 96 -9.54 -2.87 1.90
CA GLN A 96 -9.95 -3.24 3.24
C GLN A 96 -9.01 -2.73 4.31
N PRO A 97 -9.60 -2.37 5.43
CA PRO A 97 -8.73 -1.86 6.49
C PRO A 97 -7.88 -2.94 7.10
N MET A 98 -6.73 -2.51 7.60
CA MET A 98 -5.89 -3.36 8.41
CA MET A 98 -5.85 -3.36 8.43
C MET A 98 -6.04 -2.85 9.84
N ARG A 99 -6.48 -3.73 10.73
CA ARG A 99 -6.77 -3.38 12.13
C ARG A 99 -5.75 -3.97 13.08
N ASP A 100 -5.61 -3.35 14.26
CA ASP A 100 -4.82 -3.96 15.33
C ASP A 100 -5.70 -4.93 16.12
N GLN A 101 -5.16 -5.53 17.17
CA GLN A 101 -5.92 -6.49 17.95
C GLN A 101 -7.15 -5.90 18.62
N LYS A 102 -7.09 -4.61 18.91
CA LYS A 102 -8.19 -3.90 19.56
C LYS A 102 -9.27 -3.51 18.57
N GLY A 103 -9.01 -3.69 17.28
CA GLY A 103 -10.01 -3.44 16.25
C GLY A 103 -9.95 -2.07 15.58
N ASP A 104 -8.95 -1.27 15.94
CA ASP A 104 -8.85 0.08 15.38
C ASP A 104 -8.10 0.06 14.05
N VAL A 105 -8.59 0.84 13.08
CA VAL A 105 -7.94 0.88 11.78
C VAL A 105 -6.58 1.54 11.82
N GLN A 106 -5.59 0.84 11.31
CA GLN A 106 -4.22 1.34 11.27
C GLN A 106 -3.81 1.77 9.86
N TYR A 107 -4.17 0.96 8.84
CA TYR A 107 -3.76 1.19 7.44
C TYR A 107 -4.88 0.69 6.57
N PHE A 108 -4.82 1.00 5.27
CA PHE A 108 -5.73 0.39 4.29
C PHE A 108 -4.91 -0.39 3.26
N ILE A 109 -5.39 -1.57 2.91
CA ILE A 109 -4.87 -2.33 1.79
C ILE A 109 -5.80 -2.16 0.61
N GLY A 110 -5.25 -1.95 -0.57
CA GLY A 110 -6.05 -1.85 -1.77
C GLY A 110 -5.47 -2.77 -2.83
N VAL A 111 -6.32 -3.61 -3.41
CA VAL A 111 -5.88 -4.62 -4.38
C VAL A 111 -6.57 -4.34 -5.72
N GLN A 112 -5.79 -4.42 -6.79
CA GLN A 112 -6.30 -4.17 -8.13
C GLN A 112 -6.22 -5.41 -9.02
N LEU A 113 -7.35 -5.76 -9.63
CA LEU A 113 -7.36 -6.82 -10.65
C LEU A 113 -7.70 -6.18 -11.99
N ASP A 114 -6.71 -6.05 -12.85
CA ASP A 114 -6.90 -5.35 -14.11
C ASP A 114 -7.46 -6.25 -15.21
N GLY A 115 -8.27 -5.63 -16.06
CA GLY A 115 -8.80 -6.30 -17.23
C GLY A 115 -9.02 -5.30 -18.34
N THR A 116 -9.21 -5.81 -19.56
CA THR A 116 -9.52 -4.94 -20.68
C THR A 116 -11.01 -4.65 -20.72
N GLU A 117 -11.79 -5.53 -20.13
CA GLU A 117 -13.24 -5.37 -20.18
C GLU A 117 -13.88 -5.38 -18.79
N HIS A 118 -15.02 -4.73 -18.69
CA HIS A 118 -15.86 -4.78 -17.49
C HIS A 118 -16.28 -6.23 -17.31
N VAL A 119 -16.20 -6.74 -16.09
CA VAL A 119 -16.61 -8.14 -15.85
C VAL A 119 -17.97 -8.23 -15.15
N ARG A 120 -18.68 -9.32 -15.39
CA ARG A 120 -20.01 -9.52 -14.82
C ARG A 120 -20.19 -10.98 -14.48
N ASP A 121 -21.31 -11.28 -13.83
CA ASP A 121 -21.74 -12.67 -13.61
C ASP A 121 -20.64 -13.50 -12.96
N ALA A 122 -20.41 -14.71 -13.47
CA ALA A 122 -19.44 -15.60 -12.85
C ALA A 122 -18.02 -15.02 -12.80
N ALA A 123 -17.62 -14.35 -13.88
CA ALA A 123 -16.29 -13.76 -13.97
C ALA A 123 -16.08 -12.72 -12.89
N GLU A 124 -17.12 -11.91 -12.67
CA GLU A 124 -17.08 -10.92 -11.61
C GLU A 124 -17.03 -11.59 -10.23
N ARG A 125 -17.86 -12.61 -9.99
CA ARG A 125 -17.82 -13.32 -8.69
C ARG A 125 -16.45 -13.91 -8.40
N GLU A 126 -15.85 -14.52 -9.43
CA GLU A 126 -14.54 -15.13 -9.32
C GLU A 126 -13.53 -14.04 -8.97
N GLY A 127 -13.59 -12.94 -9.70
CA GLY A 127 -12.64 -11.86 -9.48
C GLY A 127 -12.73 -11.23 -8.10
N VAL A 128 -13.96 -11.05 -7.63
CA VAL A 128 -14.21 -10.50 -6.30
C VAL A 128 -13.66 -11.44 -5.22
N MET A 129 -13.84 -12.74 -5.39
CA MET A 129 -13.32 -13.73 -4.45
C MET A 129 -11.80 -13.66 -4.41
N LEU A 130 -11.19 -13.57 -5.59
CA LEU A 130 -9.74 -13.55 -5.73
C LEU A 130 -9.11 -12.31 -5.07
N ILE A 131 -9.64 -11.12 -5.34
CA ILE A 131 -9.03 -9.93 -4.74
C ILE A 131 -9.22 -9.89 -3.23
N LYS A 132 -10.33 -10.44 -2.74
CA LYS A 132 -10.54 -10.53 -1.30
C LYS A 132 -9.51 -11.47 -0.66
N LYS A 133 -9.24 -12.58 -1.30
CA LYS A 133 -8.23 -13.54 -0.83
C LYS A 133 -6.85 -12.89 -0.85
N THR A 134 -6.56 -12.15 -1.92
CA THR A 134 -5.27 -11.47 -2.05
C THR A 134 -5.10 -10.48 -0.89
N ALA A 135 -6.12 -9.65 -0.63
CA ALA A 135 -6.05 -8.71 0.51
C ALA A 135 -5.83 -9.43 1.84
N GLU A 136 -6.55 -10.53 2.07
CA GLU A 136 -6.38 -11.31 3.29
C GLU A 136 -4.98 -11.88 3.39
N ASN A 137 -4.43 -12.35 2.27
CA ASN A 137 -3.07 -12.89 2.25
C ASN A 137 -1.99 -11.83 2.49
N ILE A 138 -2.22 -10.61 2.03
CA ILE A 138 -1.32 -9.51 2.31
C ILE A 138 -1.33 -9.16 3.81
N ASP A 139 -2.53 -9.09 4.37
CA ASP A 139 -2.71 -8.82 5.79
C ASP A 139 -1.97 -9.90 6.63
N GLU A 140 -2.18 -11.17 6.28
CA GLU A 140 -1.55 -12.28 6.97
C GLU A 140 -0.03 -12.22 6.84
N ALA A 141 0.46 -11.94 5.63
CA ALA A 141 1.91 -11.90 5.39
C ALA A 141 2.55 -10.79 6.25
N ALA A 142 1.87 -9.64 6.33
CA ALA A 142 2.39 -8.55 7.13
C ALA A 142 2.42 -8.89 8.60
N LYS A 143 1.37 -9.56 9.10
CA LYS A 143 1.23 -9.77 10.53
C LYS A 143 1.99 -10.99 11.04
N GLU A 144 2.37 -11.90 10.15
CA GLU A 144 2.95 -13.19 10.52
C GLU A 144 4.20 -13.06 11.36
N LEU A 145 4.35 -14.02 12.27
CA LEU A 145 5.42 -14.02 13.27
C LEU A 145 6.60 -14.88 12.81
N SER B 3 10.39 19.47 5.37
CA SER B 3 10.60 19.90 3.98
C SER B 3 9.28 20.08 3.22
N VAL B 4 9.23 21.12 2.38
CA VAL B 4 8.07 21.29 1.52
C VAL B 4 8.01 20.27 0.39
N ASP B 5 9.09 19.48 0.21
CA ASP B 5 9.16 18.52 -0.89
C ASP B 5 10.06 17.32 -0.54
N ASN B 6 9.42 16.23 -0.16
CA ASN B 6 10.14 15.02 0.29
C ASN B 6 10.87 14.28 -0.84
N LYS B 7 12.17 14.01 -0.67
CA LYS B 7 12.93 13.28 -1.70
C LYS B 7 13.25 11.86 -1.27
N PHE B 8 12.83 10.90 -2.10
CA PHE B 8 13.04 9.52 -1.79
C PHE B 8 14.28 9.03 -2.51
N ASN B 9 15.42 9.34 -1.92
CA ASN B 9 16.72 9.01 -2.47
C ASN B 9 17.06 7.53 -2.22
N LYS B 10 18.14 7.08 -2.84
CA LYS B 10 18.59 5.69 -2.75
C LYS B 10 18.74 5.25 -1.30
N GLU B 11 19.26 6.15 -0.47
CA GLU B 11 19.44 5.87 0.95
C GLU B 11 18.12 5.57 1.67
N MET B 12 17.11 6.42 1.44
CA MET B 12 15.81 6.17 2.05
C MET B 12 15.21 4.86 1.55
N LEU B 13 15.26 4.65 0.24
CA LEU B 13 14.63 3.45 -0.33
C LEU B 13 15.29 2.20 0.23
N SER B 14 16.60 2.25 0.39
CA SER B 14 17.33 1.12 0.97
CA SER B 14 17.32 1.13 0.97
C SER B 14 16.90 0.94 2.42
N ALA B 15 16.70 2.04 3.14
CA ALA B 15 16.28 1.96 4.54
C ALA B 15 14.92 1.29 4.69
N ARG B 16 14.01 1.52 3.73
CA ARG B 16 12.72 0.86 3.80
C ARG B 16 12.92 -0.66 3.83
N VAL B 17 13.75 -1.15 2.93
CA VAL B 17 13.99 -2.59 2.85
C VAL B 17 14.63 -3.12 4.14
N GLU B 18 15.67 -2.41 4.61
CA GLU B 18 16.40 -2.89 5.76
C GLU B 18 15.53 -2.87 7.02
N ILE B 19 14.77 -1.80 7.24
CA ILE B 19 13.90 -1.76 8.38
C ILE B 19 12.85 -2.83 8.30
N TYR B 20 12.22 -2.98 7.13
CA TYR B 20 11.17 -3.97 6.99
C TYR B 20 11.69 -5.37 7.31
N GLY B 21 12.93 -5.62 6.93
CA GLY B 21 13.51 -6.95 7.11
C GLY B 21 13.97 -7.26 8.54
N LEU B 22 13.89 -6.31 9.48
CA LEU B 22 14.35 -6.60 10.84
C LEU B 22 13.38 -7.60 11.45
N PRO B 23 13.89 -8.74 11.95
CA PRO B 23 13.00 -9.84 12.34
C PRO B 23 12.30 -9.69 13.66
N ASN B 24 12.82 -8.85 14.57
CA ASN B 24 12.26 -8.81 15.93
C ASN B 24 11.30 -7.64 16.16
N LEU B 25 11.05 -6.86 15.11
CA LEU B 25 10.01 -5.83 15.17
C LEU B 25 8.69 -6.52 14.96
N ASN B 26 7.63 -5.93 15.52
CA ASN B 26 6.28 -6.39 15.16
C ASN B 26 5.80 -5.61 13.93
N TRP B 27 4.72 -6.06 13.30
CA TRP B 27 4.28 -5.42 12.07
C TRP B 27 3.90 -3.95 12.27
N GLY B 28 3.31 -3.64 13.41
CA GLY B 28 2.97 -2.25 13.67
C GLY B 28 4.18 -1.37 13.70
N GLN B 29 5.25 -1.84 14.33
CA GLN B 29 6.49 -1.06 14.35
C GLN B 29 7.10 -0.92 12.96
N ARG B 30 7.15 -2.01 12.19
CA ARG B 30 7.67 -1.93 10.82
C ARG B 30 6.90 -0.90 10.01
N PHE B 31 5.57 -0.98 10.05
CA PHE B 31 4.76 -0.06 9.26
C PHE B 31 4.95 1.37 9.76
N ALA B 32 5.04 1.56 11.09
CA ALA B 32 5.21 2.92 11.64
C ALA B 32 6.53 3.55 11.17
N PHE B 33 7.60 2.75 11.12
CA PHE B 33 8.86 3.25 10.63
C PHE B 33 8.81 3.54 9.14
N ILE B 34 8.16 2.69 8.36
CA ILE B 34 8.03 2.95 6.93
C ILE B 34 7.21 4.23 6.72
N SER B 35 6.15 4.41 7.50
CA SER B 35 5.36 5.65 7.38
CA SER B 35 5.35 5.64 7.43
C SER B 35 6.20 6.86 7.78
N SER B 36 6.98 6.75 8.84
CA SER B 36 7.82 7.85 9.26
CA SER B 36 7.83 7.83 9.27
C SER B 36 8.85 8.20 8.20
N LEU B 37 9.40 7.19 7.53
CA LEU B 37 10.36 7.41 6.43
C LEU B 37 9.69 8.15 5.28
N THR B 38 8.42 7.82 5.05
CA THR B 38 7.69 8.42 3.94
C THR B 38 7.44 9.89 4.24
N ASP B 39 7.12 10.20 5.48
CA ASP B 39 6.80 11.56 5.86
C ASP B 39 8.04 12.44 6.03
N ASP B 40 9.18 11.84 6.36
CA ASP B 40 10.43 12.60 6.52
C ASP B 40 11.62 11.77 6.07
N PRO B 41 11.79 11.66 4.75
CA PRO B 41 12.85 10.79 4.24
C PRO B 41 14.26 11.31 4.55
N SER B 42 14.40 12.60 4.87
CA SER B 42 15.73 13.09 5.25
C SER B 42 16.23 12.44 6.53
N GLN B 43 15.32 11.86 7.32
CA GLN B 43 15.69 11.24 8.58
C GLN B 43 15.94 9.74 8.48
N SER B 44 16.18 9.24 7.27
CA SER B 44 16.42 7.81 7.06
C SER B 44 17.49 7.18 7.94
N ALA B 45 18.65 7.81 8.04
CA ALA B 45 19.72 7.23 8.84
C ALA B 45 19.31 7.13 10.29
N ASN B 46 18.68 8.18 10.82
CA ASN B 46 18.19 8.20 12.19
C ASN B 46 17.09 7.16 12.47
N LEU B 47 16.15 7.05 11.55
CA LEU B 47 15.07 6.06 11.68
C LEU B 47 15.61 4.64 11.58
N LEU B 48 16.53 4.40 10.66
CA LEU B 48 17.15 3.09 10.54
C LEU B 48 17.88 2.72 11.83
N ALA B 49 18.62 3.68 12.39
CA ALA B 49 19.34 3.46 13.65
C ALA B 49 18.39 3.12 14.78
N GLU B 50 17.28 3.86 14.87
CA GLU B 50 16.31 3.59 15.91
C GLU B 50 15.64 2.21 15.76
N ALA B 51 15.27 1.84 14.54
CA ALA B 51 14.67 0.54 14.27
C ALA B 51 15.64 -0.60 14.66
N LYS B 52 16.92 -0.42 14.33
CA LYS B 52 17.91 -1.45 14.67
C LYS B 52 18.09 -1.58 16.17
N LYS B 53 18.07 -0.44 16.88
CA LYS B 53 18.13 -0.46 18.36
C LYS B 53 16.94 -1.25 18.93
N LEU B 54 15.73 -1.00 18.41
CA LEU B 54 14.55 -1.67 18.89
CA LEU B 54 14.56 -1.68 18.93
C LEU B 54 14.60 -3.16 18.59
N ASN B 55 15.11 -3.47 17.40
CA ASN B 55 15.22 -4.85 17.00
C ASN B 55 16.11 -5.67 17.96
N ASP B 56 17.24 -5.09 18.36
CA ASP B 56 18.14 -5.78 19.30
C ASP B 56 17.48 -5.88 20.67
N ALA B 57 16.83 -4.81 21.11
CA ALA B 57 16.18 -4.82 22.40
C ALA B 57 15.06 -5.87 22.49
N GLN B 58 14.40 -6.14 21.36
CA GLN B 58 13.29 -7.10 21.30
C GLN B 58 13.74 -8.48 20.87
N ALA B 59 15.03 -8.79 21.03
CA ALA B 59 15.51 -10.11 20.67
C ALA B 59 14.74 -11.19 21.46
N PRO B 60 14.28 -12.24 20.78
CA PRO B 60 13.60 -13.34 21.46
C PRO B 60 14.52 -13.99 22.50
N LYS B 61 13.95 -14.42 23.60
CA LYS B 61 14.68 -15.19 24.61
C LYS B 61 14.02 -16.54 24.86
#